data_6CW7
#
_entry.id   6CW7
#
_cell.length_a   33.861
_cell.length_b   51.529
_cell.length_c   77.841
_cell.angle_alpha   90.00
_cell.angle_beta   90.00
_cell.angle_gamma   90.00
#
_symmetry.space_group_name_H-M   'P 21 21 21'
#
loop_
_entity.id
_entity.type
_entity.pdbx_description
1 polymer 'Dihydrofolate reductase'
2 non-polymer (6S)-5,6,7,8-TETRAHYDROFOLATE
3 non-polymer 'CHLORIDE ION'
4 non-polymer 'MAGNESIUM ION'
5 water water
#
_entity_poly.entity_id   1
_entity_poly.type   'polypeptide(L)'
_entity_poly.pdbx_seq_one_letter_code
;MISLIAALAVDRVIGMENAMPWNLPADLAWFKRNTLNKPVIMGRHTWESIGRPLPGRKNIILSSQPGTDDRVTWVKSVDE
AIAACGDVPEIMVIGGGRVYEQFLPKAQKLYLTHIDAEVEGDTHFPDYEPDDWESVFSEFHDADAQNSHSYCFEILERRH
HHHHH
;
_entity_poly.pdbx_strand_id   A
#
loop_
_chem_comp.id
_chem_comp.type
_chem_comp.name
_chem_comp.formula
CL non-polymer 'CHLORIDE ION' 'Cl -1'
MG non-polymer 'MAGNESIUM ION' 'Mg 2'
THG non-polymer (6S)-5,6,7,8-TETRAHYDROFOLATE 'C19 H23 N7 O6'
#
# COMPACT_ATOMS: atom_id res chain seq x y z
N MET A 1 -2.71 11.79 -9.82
N MET A 1 -3.86 12.15 -8.96
N MET A 1 -3.88 12.00 -9.52
CA MET A 1 -3.31 10.45 -9.90
CA MET A 1 -3.62 10.82 -9.53
CA MET A 1 -3.49 10.62 -9.77
C MET A 1 -3.02 9.68 -8.61
C MET A 1 -3.17 9.88 -8.42
C MET A 1 -3.19 9.90 -8.45
N ILE A 2 -3.98 8.85 -8.18
CA ILE A 2 -3.79 8.01 -7.01
C ILE A 2 -3.52 6.57 -7.42
N SER A 3 -2.53 5.98 -6.77
CA SER A 3 -2.22 4.57 -6.97
C SER A 3 -2.24 3.85 -5.63
N LEU A 4 -2.57 2.57 -5.65
N LEU A 4 -2.55 2.56 -5.65
CA LEU A 4 -2.40 1.72 -4.47
CA LEU A 4 -2.40 1.71 -4.47
C LEU A 4 -1.17 0.85 -4.70
C LEU A 4 -1.23 0.79 -4.67
N ILE A 5 -0.43 0.59 -3.62
CA ILE A 5 0.68 -0.36 -3.67
C ILE A 5 0.53 -1.34 -2.52
N ALA A 6 0.55 -2.63 -2.84
CA ALA A 6 0.25 -3.65 -1.84
C ALA A 6 0.97 -4.95 -2.14
N ALA A 7 1.22 -5.73 -1.09
CA ALA A 7 1.77 -7.07 -1.18
C ALA A 7 0.69 -8.02 -0.70
N LEU A 8 0.30 -8.95 -1.57
N LEU A 8 0.32 -8.95 -1.58
CA LEU A 8 -0.85 -9.84 -1.33
CA LEU A 8 -0.79 -9.86 -1.34
C LEU A 8 -0.44 -11.29 -1.25
C LEU A 8 -0.26 -11.27 -1.16
N ALA A 9 -0.72 -11.93 -0.12
CA ALA A 9 -0.56 -13.37 0.00
C ALA A 9 -1.73 -14.02 -0.71
N VAL A 10 -1.73 -15.35 -0.75
CA VAL A 10 -2.88 -16.06 -1.25
C VAL A 10 -4.12 -15.62 -0.47
N ASP A 11 -5.27 -15.62 -1.13
N ASP A 11 -5.25 -15.59 -1.18
CA ASP A 11 -6.52 -15.13 -0.55
CA ASP A 11 -6.52 -15.13 -0.63
C ASP A 11 -6.52 -13.63 -0.31
C ASP A 11 -6.51 -13.64 -0.30
N ARG A 12 -5.63 -12.89 -0.94
CA ARG A 12 -5.36 -11.45 -0.90
C ARG A 12 -5.27 -10.98 0.56
N VAL A 13 -4.63 -11.80 1.39
CA VAL A 13 -4.30 -11.39 2.74
C VAL A 13 -3.16 -10.41 2.71
N ILE A 14 -3.24 -9.34 3.52
N ILE A 14 -3.36 -9.33 3.44
N ILE A 14 -3.31 -9.32 3.44
CA ILE A 14 -2.27 -8.23 3.47
CA ILE A 14 -2.34 -8.34 3.69
CA ILE A 14 -2.27 -8.32 3.58
C ILE A 14 -1.38 -7.90 4.72
C ILE A 14 -2.25 -8.16 5.19
C ILE A 14 -1.89 -8.24 5.05
N GLY A 15 -1.91 -7.25 5.74
N GLY A 15 -1.17 -7.50 5.57
N GLY A 15 -1.44 -7.09 5.49
CA GLY A 15 -1.17 -7.01 6.99
CA GLY A 15 -1.00 -7.07 6.93
CA GLY A 15 -1.10 -6.90 6.89
C GLY A 15 0.05 -6.07 6.99
C GLY A 15 0.12 -6.08 6.98
C GLY A 15 0.12 -6.04 6.97
N MET A 16 0.61 -5.85 8.18
CA MET A 16 1.72 -4.92 8.39
C MET A 16 3.04 -5.55 7.97
N GLU A 17 3.87 -4.76 7.32
CA GLU A 17 5.16 -5.24 6.81
C GLU A 17 5.99 -5.87 7.94
N ASN A 18 5.92 -5.28 9.12
CA ASN A 18 6.78 -5.69 10.22
C ASN A 18 6.38 -7.04 10.82
N ALA A 19 5.20 -7.53 10.46
CA ALA A 19 4.67 -8.75 11.06
C ALA A 19 4.27 -9.80 10.01
N MET A 20 4.45 -9.52 8.73
CA MET A 20 4.03 -10.49 7.72
C MET A 20 4.95 -11.71 7.68
N PRO A 21 4.40 -12.84 7.28
CA PRO A 21 5.11 -14.09 7.46
C PRO A 21 6.13 -14.37 6.39
N TRP A 22 6.34 -13.47 5.41
CA TRP A 22 7.36 -13.65 4.40
C TRP A 22 8.49 -12.67 4.62
N ASN A 23 9.66 -12.98 4.09
CA ASN A 23 10.81 -12.10 4.12
C ASN A 23 11.24 -11.86 2.68
N LEU A 24 10.86 -10.70 2.16
CA LEU A 24 11.07 -10.36 0.76
C LEU A 24 11.76 -9.01 0.59
N PRO A 25 13.06 -8.94 0.85
CA PRO A 25 13.80 -7.70 0.56
C PRO A 25 13.62 -7.23 -0.89
N ALA A 26 13.41 -8.15 -1.84
CA ALA A 26 13.17 -7.71 -3.20
C ALA A 26 11.87 -6.92 -3.32
N ASP A 27 10.87 -7.32 -2.56
CA ASP A 27 9.62 -6.59 -2.58
C ASP A 27 9.78 -5.24 -1.89
N LEU A 28 10.51 -5.18 -0.79
CA LEU A 28 10.76 -3.89 -0.18
C LEU A 28 11.50 -2.95 -1.12
N ALA A 29 12.41 -3.47 -1.94
CA ALA A 29 13.13 -2.63 -2.90
C ALA A 29 12.18 -2.12 -3.99
N TRP A 30 11.24 -2.95 -4.43
CA TRP A 30 10.19 -2.57 -5.36
C TRP A 30 9.30 -1.49 -4.75
N PHE A 31 8.90 -1.69 -3.50
CA PHE A 31 8.08 -0.71 -2.80
C PHE A 31 8.80 0.64 -2.72
N LYS A 32 10.06 0.61 -2.32
CA LYS A 32 10.81 1.86 -2.20
C LYS A 32 10.97 2.52 -3.56
N ARG A 33 11.35 1.76 -4.58
CA ARG A 33 11.53 2.35 -5.89
C ARG A 33 10.26 3.01 -6.41
N ASN A 34 9.10 2.38 -6.18
CA ASN A 34 7.86 2.91 -6.71
C ASN A 34 7.20 3.97 -5.83
N THR A 35 7.72 4.19 -4.62
CA THR A 35 7.18 5.22 -3.76
C THR A 35 8.12 6.41 -3.53
N LEU A 36 9.40 6.27 -3.80
CA LEU A 36 10.35 7.32 -3.48
C LEU A 36 9.98 8.61 -4.21
N ASN A 37 10.11 9.72 -3.52
CA ASN A 37 9.85 11.03 -4.07
C ASN A 37 8.40 11.23 -4.44
N LYS A 38 7.50 10.48 -3.78
CA LYS A 38 6.06 10.66 -3.93
C LYS A 38 5.47 10.70 -2.53
N PRO A 39 4.35 11.38 -2.35
CA PRO A 39 3.69 11.28 -1.05
C PRO A 39 3.11 9.90 -0.85
N VAL A 40 3.15 9.45 0.40
CA VAL A 40 2.53 8.19 0.77
C VAL A 40 1.44 8.44 1.80
N ILE A 41 0.27 7.85 1.57
CA ILE A 41 -0.86 7.93 2.48
C ILE A 41 -1.06 6.58 3.13
N MET A 42 -1.22 6.58 4.45
CA MET A 42 -1.40 5.33 5.20
C MET A 42 -2.34 5.60 6.36
N GLY A 43 -2.96 4.54 6.86
CA GLY A 43 -3.73 4.65 8.07
C GLY A 43 -2.88 4.55 9.33
N ARG A 44 -3.50 4.76 10.48
CA ARG A 44 -2.73 4.86 11.71
C ARG A 44 -2.12 3.54 12.13
N HIS A 45 -2.78 2.41 11.87
CA HIS A 45 -2.19 1.11 12.19
CA HIS A 45 -2.20 1.10 12.19
C HIS A 45 -0.91 0.88 11.40
N THR A 46 -0.94 1.19 10.10
CA THR A 46 0.25 1.06 9.28
C THR A 46 1.33 2.01 9.76
N TRP A 47 0.95 3.24 10.07
CA TRP A 47 1.91 4.21 10.58
C TRP A 47 2.61 3.70 11.86
N GLU A 48 1.82 3.19 12.79
CA GLU A 48 2.40 2.75 14.05
C GLU A 48 3.31 1.54 13.82
N SER A 49 2.97 0.73 12.82
CA SER A 49 3.76 -0.44 12.51
C SER A 49 5.08 -0.11 11.84
N ILE A 50 5.11 1.00 11.12
CA ILE A 50 6.35 1.48 10.55
C ILE A 50 7.11 2.26 11.65
N GLY A 51 6.45 3.19 12.32
N GLY A 51 6.45 3.19 12.32
CA GLY A 51 7.01 3.83 13.49
CA GLY A 51 7.01 3.82 13.50
C GLY A 51 7.91 5.02 13.24
C GLY A 51 7.87 5.04 13.23
N ARG A 52 8.45 5.12 12.04
CA ARG A 52 9.34 6.22 11.65
C ARG A 52 8.98 6.62 10.22
N PRO A 53 9.02 7.92 9.92
CA PRO A 53 8.66 8.31 8.54
C PRO A 53 9.49 7.61 7.49
N LEU A 54 8.83 7.21 6.42
CA LEU A 54 9.56 6.65 5.29
C LEU A 54 10.39 7.75 4.67
N PRO A 55 11.70 7.53 4.54
CA PRO A 55 12.56 8.61 4.04
C PRO A 55 12.27 8.96 2.59
N GLY A 56 12.42 10.24 2.26
CA GLY A 56 12.35 10.66 0.88
C GLY A 56 10.93 10.69 0.34
N ARG A 57 9.96 10.63 1.24
CA ARG A 57 8.54 10.67 0.89
C ARG A 57 7.81 11.53 1.90
N LYS A 58 6.81 12.28 1.46
CA LYS A 58 5.92 12.95 2.41
C LYS A 58 4.97 11.93 3.03
N ASN A 59 4.96 11.82 4.35
CA ASN A 59 4.14 10.79 5.01
C ASN A 59 2.85 11.41 5.53
N ILE A 60 1.72 10.95 5.00
CA ILE A 60 0.40 11.44 5.33
C ILE A 60 -0.36 10.32 6.02
N ILE A 61 -0.84 10.62 7.23
CA ILE A 61 -1.52 9.61 8.03
C ILE A 61 -2.99 9.96 8.10
N LEU A 62 -3.82 9.07 7.56
CA LEU A 62 -5.27 9.23 7.62
C LEU A 62 -5.81 8.64 8.91
N SER A 63 -6.26 9.54 9.79
N SER A 63 -6.46 9.45 9.73
CA SER A 63 -6.76 9.26 11.15
CA SER A 63 -7.08 8.90 10.92
C SER A 63 -7.89 10.23 11.51
C SER A 63 -8.07 9.89 11.50
N SER A 64 -8.89 9.72 12.22
N SER A 64 -9.18 9.38 12.02
CA SER A 64 -10.03 10.55 12.63
CA SER A 64 -10.19 10.24 12.64
C SER A 64 -9.72 11.39 13.85
C SER A 64 -9.74 10.68 14.03
N GLN A 65 -8.59 11.10 14.50
N GLN A 65 -8.68 10.05 14.52
CA GLN A 65 -8.17 11.78 15.72
CA GLN A 65 -8.05 10.46 15.76
C GLN A 65 -6.98 12.69 15.50
C GLN A 65 -6.55 10.57 15.54
N PRO A 66 -6.75 13.62 16.44
N PRO A 66 -6.10 11.74 15.09
CA PRO A 66 -5.60 14.51 16.32
CA PRO A 66 -4.66 11.86 14.86
C PRO A 66 -4.29 13.72 16.26
C PRO A 66 -3.86 11.61 16.13
N GLY A 67 -3.31 14.26 15.55
N GLY A 67 -2.66 11.06 15.98
CA GLY A 67 -2.02 13.60 15.41
CA GLY A 67 -1.71 11.02 17.07
C GLY A 67 -1.25 13.46 16.70
C GLY A 67 -1.08 12.39 17.17
N THR A 68 -0.34 12.50 16.72
N THR A 68 0.00 12.51 17.92
CA THR A 68 0.46 12.16 17.89
CA THR A 68 0.62 13.82 18.07
C THR A 68 1.97 12.18 17.64
C THR A 68 1.90 13.99 17.25
N ASP A 69 2.39 12.91 16.61
CA ASP A 69 3.78 12.89 16.13
C ASP A 69 3.96 13.98 15.08
N ASP A 70 4.84 14.93 15.33
CA ASP A 70 4.96 16.09 14.45
C ASP A 70 5.79 15.79 13.21
N ARG A 71 6.31 14.57 13.10
CA ARG A 71 7.15 14.21 11.95
C ARG A 71 6.35 13.82 10.72
N VAL A 72 5.03 13.71 10.85
CA VAL A 72 4.17 13.31 9.75
C VAL A 72 2.99 14.26 9.68
N THR A 73 2.23 14.17 8.60
CA THR A 73 1.10 15.04 8.34
C THR A 73 -0.18 14.28 8.61
N TRP A 74 -1.01 14.77 9.53
CA TRP A 74 -2.20 14.05 9.95
C TRP A 74 -3.44 14.63 9.28
N VAL A 75 -4.27 13.78 8.69
CA VAL A 75 -5.48 14.22 8.01
C VAL A 75 -6.64 13.32 8.39
N LYS A 76 -7.86 13.81 8.23
CA LYS A 76 -9.04 13.14 8.81
C LYS A 76 -10.01 12.59 7.78
N SER A 77 -9.71 12.76 6.49
CA SER A 77 -10.57 12.19 5.46
C SER A 77 -9.76 11.94 4.20
N VAL A 78 -10.30 11.11 3.32
CA VAL A 78 -9.73 10.87 2.01
C VAL A 78 -9.54 12.18 1.27
N ASP A 79 -10.55 13.05 1.26
CA ASP A 79 -10.42 14.30 0.52
C ASP A 79 -9.29 15.16 1.09
N GLU A 80 -9.18 15.20 2.41
CA GLU A 80 -8.15 16.02 3.02
C GLU A 80 -6.77 15.45 2.73
N ALA A 81 -6.66 14.12 2.75
CA ALA A 81 -5.39 13.46 2.42
C ALA A 81 -4.93 13.87 1.02
N ILE A 82 -5.84 13.82 0.06
CA ILE A 82 -5.49 14.16 -1.30
C ILE A 82 -5.08 15.65 -1.37
N ALA A 83 -5.83 16.52 -0.72
CA ALA A 83 -5.51 17.95 -0.75
C ALA A 83 -4.13 18.21 -0.15
N ALA A 84 -3.78 17.49 0.91
CA ALA A 84 -2.49 17.66 1.55
C ALA A 84 -1.32 17.28 0.65
N CYS A 85 -1.55 16.46 -0.37
CA CYS A 85 -0.49 16.07 -1.29
C CYS A 85 -0.20 17.17 -2.29
N GLY A 86 -1.16 18.06 -2.50
CA GLY A 86 -0.92 19.16 -3.42
C GLY A 86 -0.74 18.68 -4.84
N ASP A 87 0.00 19.47 -5.62
CA ASP A 87 0.16 19.18 -7.04
C ASP A 87 1.36 18.30 -7.29
N VAL A 88 1.11 17.00 -7.34
CA VAL A 88 2.14 16.05 -7.63
C VAL A 88 1.60 15.09 -8.67
N PRO A 89 2.51 14.46 -9.42
CA PRO A 89 2.06 13.55 -10.47
C PRO A 89 1.35 12.31 -9.95
N GLU A 90 1.76 11.81 -8.79
CA GLU A 90 1.27 10.51 -8.34
C GLU A 90 1.33 10.40 -6.82
N ILE A 91 0.20 10.04 -6.25
CA ILE A 91 0.04 9.83 -4.81
C ILE A 91 -0.02 8.33 -4.55
N MET A 92 0.77 7.82 -3.60
CA MET A 92 0.83 6.38 -3.32
C MET A 92 0.13 6.03 -2.03
N VAL A 93 -0.89 5.18 -2.11
CA VAL A 93 -1.61 4.73 -0.92
C VAL A 93 -1.04 3.38 -0.52
N ILE A 94 -0.57 3.29 0.72
CA ILE A 94 0.20 2.14 1.17
C ILE A 94 -0.51 1.33 2.26
N GLY A 95 -1.79 1.55 2.44
CA GLY A 95 -2.62 0.69 3.29
C GLY A 95 -2.90 1.30 4.66
N GLY A 96 -3.53 0.55 5.57
CA GLY A 96 -3.87 -0.85 5.43
C GLY A 96 -5.22 -1.11 4.83
N GLY A 97 -5.86 -2.19 5.28
CA GLY A 97 -7.05 -2.71 4.63
C GLY A 97 -8.13 -1.68 4.41
N ARG A 98 -8.50 -0.95 5.45
CA ARG A 98 -9.62 -0.03 5.31
C ARG A 98 -9.25 1.16 4.44
N VAL A 99 -8.02 1.64 4.57
CA VAL A 99 -7.55 2.74 3.76
C VAL A 99 -7.51 2.34 2.28
N TYR A 100 -7.02 1.14 1.96
CA TYR A 100 -7.10 0.68 0.58
C TYR A 100 -8.55 0.65 0.10
N GLU A 101 -9.47 0.19 0.95
CA GLU A 101 -10.87 0.07 0.59
C GLU A 101 -11.47 1.45 0.26
N GLN A 102 -11.10 2.46 1.01
CA GLN A 102 -11.62 3.80 0.79
C GLN A 102 -11.01 4.48 -0.42
N PHE A 103 -9.74 4.19 -0.68
CA PHE A 103 -9.05 4.85 -1.80
C PHE A 103 -9.21 4.14 -3.13
N LEU A 104 -9.54 2.85 -3.15
CA LEU A 104 -9.62 2.13 -4.43
C LEU A 104 -10.48 2.86 -5.49
N PRO A 105 -11.67 3.36 -5.14
CA PRO A 105 -12.46 4.02 -6.19
C PRO A 105 -11.79 5.25 -6.78
N LYS A 106 -10.91 5.89 -6.04
CA LYS A 106 -10.20 7.04 -6.55
C LYS A 106 -8.92 6.70 -7.28
N ALA A 107 -8.49 5.44 -7.21
CA ALA A 107 -7.24 5.02 -7.80
C ALA A 107 -7.38 4.70 -9.28
N GLN A 108 -6.32 4.98 -10.01
CA GLN A 108 -6.23 4.65 -11.43
C GLN A 108 -5.08 3.70 -11.75
N LYS A 109 -4.31 3.27 -10.75
CA LYS A 109 -3.19 2.37 -10.96
C LYS A 109 -2.97 1.55 -9.69
N LEU A 110 -2.58 0.29 -9.89
CA LEU A 110 -2.24 -0.62 -8.80
C LEU A 110 -0.86 -1.19 -9.03
N TYR A 111 -0.08 -1.24 -7.96
CA TYR A 111 1.22 -1.91 -7.94
C TYR A 111 1.06 -3.05 -6.96
N LEU A 112 1.04 -4.28 -7.46
CA LEU A 112 0.77 -5.44 -6.62
C LEU A 112 1.96 -6.37 -6.61
N THR A 113 2.19 -7.02 -5.46
CA THR A 113 3.10 -8.14 -5.39
C THR A 113 2.29 -9.35 -4.99
N HIS A 114 2.18 -10.31 -5.90
CA HIS A 114 1.43 -11.53 -5.66
C HIS A 114 2.40 -12.55 -5.08
N ILE A 115 2.30 -12.78 -3.78
CA ILE A 115 3.26 -13.64 -3.09
C ILE A 115 2.72 -15.05 -2.96
N ASP A 116 3.55 -16.04 -3.28
CA ASP A 116 3.15 -17.43 -3.17
C ASP A 116 3.32 -17.93 -1.75
N ALA A 117 2.48 -17.41 -0.88
CA ALA A 117 2.45 -17.81 0.51
C ALA A 117 1.01 -17.91 0.93
N GLU A 118 0.70 -18.97 1.69
CA GLU A 118 -0.57 -19.06 2.39
C GLU A 118 -0.32 -18.75 3.86
N VAL A 119 -1.13 -17.86 4.41
CA VAL A 119 -0.85 -17.28 5.71
C VAL A 119 -2.10 -17.24 6.59
N GLU A 120 -1.90 -16.86 7.85
CA GLU A 120 -2.97 -16.89 8.87
C GLU A 120 -3.78 -15.59 9.07
N GLY A 121 -3.35 -14.49 8.47
CA GLY A 121 -3.95 -13.20 8.74
C GLY A 121 -5.41 -13.04 8.31
N ASP A 122 -6.07 -12.03 8.85
CA ASP A 122 -7.49 -11.78 8.58
C ASP A 122 -7.78 -10.46 7.88
N THR A 123 -6.76 -9.68 7.54
CA THR A 123 -6.98 -8.44 6.81
C THR A 123 -6.76 -8.70 5.33
N HIS A 124 -7.66 -8.17 4.50
CA HIS A 124 -7.63 -8.43 3.06
C HIS A 124 -7.52 -7.15 2.26
N PHE A 125 -6.90 -7.25 1.09
CA PHE A 125 -6.95 -6.20 0.09
C PHE A 125 -8.41 -6.09 -0.41
N PRO A 126 -8.85 -4.88 -0.84
CA PRO A 126 -10.23 -4.75 -1.31
C PRO A 126 -10.54 -5.62 -2.51
N ASP A 127 -11.81 -5.94 -2.67
CA ASP A 127 -12.29 -6.54 -3.91
C ASP A 127 -12.13 -5.53 -5.01
N TYR A 128 -11.59 -5.98 -6.13
CA TYR A 128 -11.57 -5.16 -7.33
C TYR A 128 -12.02 -6.04 -8.47
N GLU A 129 -12.66 -5.43 -9.45
CA GLU A 129 -13.17 -6.15 -10.60
C GLU A 129 -12.05 -6.24 -11.64
N PRO A 130 -11.44 -7.43 -11.80
CA PRO A 130 -10.26 -7.48 -12.68
C PRO A 130 -10.55 -7.06 -14.12
N ASP A 131 -11.80 -7.16 -14.53
CA ASP A 131 -12.20 -6.74 -15.88
C ASP A 131 -12.03 -5.24 -16.06
N ASP A 132 -11.94 -4.51 -14.96
CA ASP A 132 -11.82 -3.05 -15.01
C ASP A 132 -10.38 -2.56 -15.16
N TRP A 133 -9.43 -3.49 -15.18
CA TRP A 133 -8.02 -3.14 -15.14
C TRP A 133 -7.30 -3.83 -16.26
N GLU A 134 -6.20 -3.25 -16.69
CA GLU A 134 -5.30 -3.88 -17.67
C GLU A 134 -3.92 -4.07 -17.06
N SER A 135 -3.38 -5.27 -17.24
CA SER A 135 -2.05 -5.60 -16.73
C SER A 135 -1.00 -5.05 -17.68
N VAL A 136 -0.21 -4.09 -17.25
CA VAL A 136 0.78 -3.46 -18.12
C VAL A 136 2.20 -3.85 -17.78
N PHE A 137 2.38 -4.65 -16.73
CA PHE A 137 3.70 -5.16 -16.35
C PHE A 137 3.50 -6.34 -15.44
N SER A 138 4.24 -7.42 -15.63
CA SER A 138 4.26 -8.49 -14.67
C SER A 138 5.61 -9.19 -14.73
N GLU A 139 6.16 -9.51 -13.57
N GLU A 139 6.16 -9.51 -13.57
CA GLU A 139 7.44 -10.20 -13.50
CA GLU A 139 7.45 -10.20 -13.52
C GLU A 139 7.50 -11.13 -12.32
C GLU A 139 7.50 -11.13 -12.33
N PHE A 140 7.67 -12.42 -12.62
CA PHE A 140 7.78 -13.44 -11.61
C PHE A 140 9.23 -13.65 -11.20
N HIS A 141 9.43 -13.85 -9.91
CA HIS A 141 10.72 -14.18 -9.33
C HIS A 141 10.62 -15.36 -8.40
N ASP A 142 11.48 -16.36 -8.57
N ASP A 142 11.58 -16.25 -8.55
CA ASP A 142 11.49 -17.45 -7.61
CA ASP A 142 11.73 -17.37 -7.64
C ASP A 142 12.18 -16.99 -6.32
C ASP A 142 12.22 -16.93 -6.27
N ALA A 143 11.92 -17.73 -5.25
CA ALA A 143 12.58 -17.54 -3.99
C ALA A 143 14.08 -17.72 -4.18
N ASP A 144 14.86 -17.16 -3.27
CA ASP A 144 16.31 -17.30 -3.29
C ASP A 144 16.85 -17.21 -1.87
N ALA A 145 18.16 -17.13 -1.71
CA ALA A 145 18.73 -17.14 -0.36
C ALA A 145 18.31 -15.95 0.48
N GLN A 146 17.89 -14.87 -0.18
CA GLN A 146 17.47 -13.64 0.52
C GLN A 146 15.96 -13.48 0.60
N ASN A 147 15.20 -14.18 -0.25
CA ASN A 147 13.74 -13.98 -0.37
C ASN A 147 13.04 -15.32 -0.11
N SER A 148 12.19 -15.35 0.91
CA SER A 148 11.66 -16.61 1.45
C SER A 148 10.67 -17.32 0.56
N HIS A 149 9.98 -16.56 -0.28
CA HIS A 149 8.90 -17.08 -1.12
C HIS A 149 9.06 -16.54 -2.52
N SER A 150 8.48 -17.24 -3.49
CA SER A 150 8.34 -16.67 -4.84
C SER A 150 7.24 -15.61 -4.87
N TYR A 151 7.32 -14.75 -5.87
CA TYR A 151 6.45 -13.58 -5.94
C TYR A 151 6.40 -13.07 -7.36
N CYS A 152 5.33 -12.37 -7.68
CA CYS A 152 5.15 -11.79 -9.01
C CYS A 152 4.73 -10.34 -8.88
N PHE A 153 5.56 -9.43 -9.34
CA PHE A 153 5.17 -8.02 -9.39
C PHE A 153 4.19 -7.81 -10.51
N GLU A 154 3.25 -6.88 -10.32
CA GLU A 154 2.31 -6.54 -11.37
C GLU A 154 1.95 -5.06 -11.28
N ILE A 155 1.81 -4.40 -12.42
CA ILE A 155 1.22 -3.08 -12.46
C ILE A 155 -0.03 -3.15 -13.31
N LEU A 156 -1.12 -2.60 -12.79
CA LEU A 156 -2.36 -2.56 -13.51
C LEU A 156 -2.82 -1.12 -13.64
N GLU A 157 -3.42 -0.81 -14.78
CA GLU A 157 -3.95 0.51 -15.04
C GLU A 157 -5.45 0.40 -15.20
N ARG A 158 -6.20 1.36 -14.66
CA ARG A 158 -7.64 1.27 -14.71
C ARG A 158 -8.16 1.60 -16.10
N ARG A 159 -9.04 0.74 -16.61
CA ARG A 159 -9.75 1.01 -17.85
C ARG A 159 -11.23 1.32 -17.62
N HIS A 160 -11.85 0.73 -16.61
CA HIS A 160 -13.26 0.97 -16.36
C HIS A 160 -13.50 1.23 -14.89
N HIS A 161 -14.66 1.81 -14.63
CA HIS A 161 -15.06 2.14 -13.27
C HIS A 161 -16.54 1.81 -13.06
N HIS A 162 -16.83 1.17 -11.94
CA HIS A 162 -18.21 0.81 -11.63
C HIS A 162 -18.69 1.59 -10.40
N3 THG B . 5.34 -4.47 0.08
C2 THG B . 4.62 -3.83 -0.91
N1 THG B . 3.58 -3.08 -0.60
C8A THG B . 3.21 -2.99 0.67
C4A THG B . 3.89 -3.63 1.70
C4 THG B . 5.02 -4.41 1.38
N8 THG B . 2.10 -2.22 0.94
C7 THG B . 1.59 -2.07 2.30
C6 THG B . 2.61 -2.35 3.40
N5 THG B . 3.46 -3.50 3.04
C9 THG B . 3.42 -1.07 3.58
N10 THG B . 4.33 -1.27 4.72
C4' THG B . 5.69 -1.00 4.64
C3' THG B . 6.39 -0.80 5.82
C2' THG B . 7.74 -0.52 5.80
C1' THG B . 8.41 -0.47 4.58
C6' THG B . 7.70 -0.67 3.38
C5' THG B . 6.36 -0.95 3.41
C11 THG B . 9.84 -0.14 4.54
N THG B . 10.33 0.26 3.35
CA THG B . 11.70 0.69 3.13
C THG B . 11.47 1.92 2.30
OX2 THG B . 12.32 2.96 2.39
OX1 THG B . 10.52 1.96 1.60
CB THG B . 12.53 -0.35 2.36
CG THG B . 13.04 -1.42 3.33
CD THG B . 14.52 -1.28 3.51
OE1 THG B . 14.96 -0.61 4.42
OE2 THG B . 15.36 -1.91 2.68
O11 THG B . 10.54 -0.20 5.55
O4 THG B . 5.67 -4.99 2.26
N2 THG B . 5.02 -3.94 -2.21
HN3 THG B . 6.03 -4.93 -0.15
HN8 THG B . 1.68 -1.85 0.29
HC71 THG B . 0.84 -2.69 2.41
HC72 THG B . 1.25 -1.17 2.41
HC6 THG B . 2.15 -2.54 4.23
HN5 THG B . 3.68 -4.08 3.64
HC91 THG B . 3.94 -0.88 2.78
HC92 THG B . 2.83 -0.32 3.77
H10 THG B . 4.01 -1.57 5.45
HC3 THG B . 5.94 -0.83 6.63
HC2 THG B . 8.20 -0.37 6.59
HC61 THG B . 8.15 -0.63 2.57
HC5 THG B . 5.89 -1.08 2.62
HN THG B . 9.77 0.31 2.69
HCA THG B . 12.13 0.92 3.96
HCB1 THG B . 11.98 -0.77 1.68
HCB2 THG B . 13.29 0.09 1.94
HCG1 THG B . 12.59 -1.31 4.19
HCG2 THG B . 12.83 -2.30 2.97
HN21 THG B . 5.23 -3.23 -2.65
HN22 THG B . 5.05 -4.70 -2.59
CL CL C . -3.86 1.27 8.61
CL CL D . 20.26 -17.77 -4.04
CL CL E . 12.33 -3.18 -8.15
MG MG F . -15.24 -3.32 -1.57
MG MG G . -11.98 -4.29 2.45
MG MG H . -12.70 -3.50 -21.21
MG MG I . 1.62 19.04 16.20
#